data_8JHP
#
_entry.id   8JHP
#
_entity_poly.entity_id   1
_entity_poly.type   'polyribonucleotide'
_entity_poly.pdbx_seq_one_letter_code
;ACUCGAAAGAACAUGUUUUCCAAGAGU
;
_entity_poly.pdbx_strand_id   A
#